data_4YP0
#
_entry.id   4YP0
#
_cell.length_a   64.811
_cell.length_b   118.873
_cell.length_c   65.897
_cell.angle_alpha   90.000
_cell.angle_beta   92.930
_cell.angle_gamma   90.000
#
_symmetry.space_group_name_H-M   'I 1 2 1'
#
loop_
_entity.id
_entity.type
_entity.pdbx_description
1 polymer 'Histidyl-tRNA synthetase'
2 non-polymer HISTIDINE
3 non-polymer ISOQUINOLIN-5-AMINE
4 non-polymer 'DIMETHYL SULFOXIDE'
5 non-polymer 'SULFATE ION'
6 non-polymer 1,2-ETHANEDIOL
7 water water
#
_entity_poly.entity_id   1
_entity_poly.type   'polypeptide(L)'
_entity_poly.pdbx_seq_one_letter_code
;MAHHHHHHMGTLEAQTQGPGSMQKNMVETEPVQGCRDFPPEAMRCRRHLFDVFHATAKTFGFEEYDAPVLESEELYIRKA
GEEITEQMFNFITKGGHRVALRPEMTPSLARLLLGKGRSLLLPAKWYSIPQCWRYEAITRGRRREHYQWNMDIVGVKSVS
AEVELVCAACWAMRSLGLSSKDVGIKVNSRKVLQTVVEQAGVTSDKFAPVCVIVDKMEKIPREEVEAQLAVLGLEPTVVD
AITTTLSLKSIDEIAQRVGEEHEAVKELRQFFEQVEAYGYGDWVLFDASVVRGLAYYTGIVFEGFDREGKFRALCGGGRY
DNLLTTYGSPTPIPCAGFGFGDCVIVELLQEKRLLPDIPHVVDDVVIPFDESMRPHALAVLRRLRDAGRSADIILDKKKV
VQAFNYADRVGAVRAVLVAPEEWERGEVQVKMLREGTGKEEGGAERGFAVPLDRLV
;
_entity_poly.pdbx_strand_id   A
#
# COMPACT_ATOMS: atom_id res chain seq x y z
N ASN A 25 -13.71 -7.13 -37.52
CA ASN A 25 -14.34 -6.27 -36.47
C ASN A 25 -13.33 -5.90 -35.38
N MET A 26 -13.82 -5.18 -34.37
CA MET A 26 -12.99 -4.74 -33.27
C MET A 26 -12.43 -5.91 -32.46
N VAL A 27 -11.28 -5.68 -31.85
CA VAL A 27 -10.76 -6.55 -30.80
C VAL A 27 -11.43 -6.10 -29.50
N GLU A 28 -11.39 -6.95 -28.48
CA GLU A 28 -11.97 -6.58 -27.20
C GLU A 28 -11.14 -5.45 -26.55
N THR A 29 -11.71 -4.25 -26.48
CA THR A 29 -11.01 -3.09 -25.90
C THR A 29 -11.05 -3.09 -24.37
N GLU A 30 -12.04 -3.75 -23.77
CA GLU A 30 -12.07 -3.86 -22.30
C GLU A 30 -10.95 -4.76 -21.79
N PRO A 31 -10.40 -4.44 -20.61
CA PRO A 31 -9.40 -5.32 -20.01
C PRO A 31 -10.02 -6.62 -19.50
N VAL A 32 -9.18 -7.58 -19.15
CA VAL A 32 -9.65 -8.84 -18.59
C VAL A 32 -10.48 -8.58 -17.34
N GLN A 33 -11.45 -9.45 -17.12
CA GLN A 33 -12.38 -9.40 -15.99
C GLN A 33 -11.75 -9.04 -14.65
N GLY A 34 -12.28 -8.01 -14.01
CA GLY A 34 -11.82 -7.59 -12.67
C GLY A 34 -10.48 -6.86 -12.63
N CYS A 35 -9.93 -6.50 -13.79
CA CYS A 35 -8.59 -5.91 -13.87
C CYS A 35 -8.62 -4.49 -14.42
N ARG A 36 -7.72 -3.64 -13.93
CA ARG A 36 -7.70 -2.23 -14.33
C ARG A 36 -6.66 -1.88 -15.40
N ASP A 37 -7.08 -1.02 -16.31
CA ASP A 37 -6.21 -0.32 -17.22
C ASP A 37 -5.78 0.99 -16.57
N PHE A 38 -4.58 1.45 -16.89
CA PHE A 38 -4.05 2.69 -16.34
C PHE A 38 -3.55 3.55 -17.50
N PRO A 39 -4.47 4.12 -18.28
CA PRO A 39 -4.05 5.10 -19.28
C PRO A 39 -3.49 6.32 -18.54
N PRO A 40 -2.79 7.21 -19.26
CA PRO A 40 -1.99 8.25 -18.59
C PRO A 40 -2.72 8.98 -17.46
N GLU A 41 -3.97 9.37 -17.70
CA GLU A 41 -4.80 10.01 -16.67
C GLU A 41 -4.89 9.21 -15.38
N ALA A 42 -5.27 7.94 -15.48
CA ALA A 42 -5.36 7.08 -14.31
C ALA A 42 -3.99 6.80 -13.74
N MET A 43 -2.98 6.66 -14.63
CA MET A 43 -1.64 6.36 -14.19
C MET A 43 -1.07 7.48 -13.30
N ARG A 44 -1.40 8.73 -13.62
CA ARG A 44 -0.98 9.86 -12.79
C ARG A 44 -1.52 9.77 -11.37
N CYS A 45 -2.77 9.33 -11.23
CA CYS A 45 -3.36 9.14 -9.92
CA CYS A 45 -3.34 9.16 -9.91
C CYS A 45 -2.63 8.05 -9.13
N ARG A 46 -2.34 6.94 -9.79
CA ARG A 46 -1.62 5.85 -9.17
C ARG A 46 -0.19 6.27 -8.76
N ARG A 47 0.47 7.00 -9.64
CA ARG A 47 1.83 7.47 -9.40
C ARG A 47 1.86 8.48 -8.22
N HIS A 48 0.83 9.31 -8.12
CA HIS A 48 0.68 10.23 -6.98
C HIS A 48 0.63 9.46 -5.66
N LEU A 49 -0.12 8.37 -5.65
CA LEU A 49 -0.19 7.47 -4.52
C LEU A 49 1.14 6.77 -4.26
N PHE A 50 1.70 6.15 -5.29
CA PHE A 50 2.92 5.38 -5.11
C PHE A 50 4.09 6.26 -4.69
N ASP A 51 4.12 7.50 -5.18
CA ASP A 51 5.18 8.41 -4.81
C ASP A 51 5.15 8.62 -3.30
N VAL A 52 3.96 8.77 -2.73
CA VAL A 52 3.84 8.85 -1.28
C VAL A 52 4.32 7.56 -0.57
N PHE A 53 3.95 6.40 -1.10
CA PHE A 53 4.37 5.14 -0.50
C PHE A 53 5.89 5.09 -0.47
N HIS A 54 6.51 5.38 -1.62
CA HIS A 54 7.96 5.40 -1.74
C HIS A 54 8.57 6.46 -0.82
N ALA A 55 8.01 7.66 -0.85
CA ALA A 55 8.57 8.79 -0.10
C ALA A 55 8.50 8.48 1.40
N THR A 56 7.37 7.95 1.85
CA THR A 56 7.19 7.53 3.26
C THR A 56 8.19 6.43 3.64
N ALA A 57 8.30 5.40 2.82
CA ALA A 57 9.27 4.33 3.09
C ALA A 57 10.71 4.89 3.27
N LYS A 58 11.07 5.85 2.43
CA LYS A 58 12.38 6.47 2.48
C LYS A 58 12.57 7.35 3.72
N THR A 59 11.56 8.13 4.05
CA THR A 59 11.53 8.89 5.28
C THR A 59 11.74 7.99 6.50
N PHE A 60 11.16 6.78 6.46
CA PHE A 60 11.22 5.85 7.58
C PHE A 60 12.38 4.84 7.51
N GLY A 61 13.22 4.93 6.49
CA GLY A 61 14.40 4.11 6.38
C GLY A 61 14.17 2.67 5.94
N PHE A 62 13.07 2.42 5.26
CA PHE A 62 12.78 1.06 4.72
C PHE A 62 13.46 0.88 3.35
N GLU A 63 13.84 -0.36 3.02
CA GLU A 63 14.52 -0.68 1.76
C GLU A 63 13.58 -1.45 0.85
N GLU A 64 13.60 -1.10 -0.43
CA GLU A 64 12.67 -1.69 -1.36
C GLU A 64 13.12 -3.10 -1.73
N TYR A 65 12.15 -3.97 -1.97
CA TYR A 65 12.41 -5.30 -2.50
C TYR A 65 11.25 -5.70 -3.39
N ASP A 66 11.39 -6.83 -4.05
CA ASP A 66 10.33 -7.37 -4.91
C ASP A 66 10.58 -8.86 -5.13
N ALA A 67 9.55 -9.55 -5.60
CA ALA A 67 9.62 -10.97 -5.87
C ALA A 67 8.59 -11.28 -6.94
N PRO A 68 8.60 -12.52 -7.47
CA PRO A 68 7.73 -12.81 -8.60
C PRO A 68 6.28 -12.82 -8.21
N VAL A 69 5.42 -12.26 -9.07
CA VAL A 69 3.98 -12.32 -8.87
C VAL A 69 3.51 -13.78 -8.85
N LEU A 70 4.24 -14.63 -9.57
CA LEU A 70 3.97 -16.06 -9.61
C LEU A 70 4.77 -16.77 -8.51
N GLU A 71 4.05 -17.36 -7.56
CA GLU A 71 4.66 -18.13 -6.47
C GLU A 71 4.08 -19.53 -6.44
N SER A 72 4.75 -20.43 -5.73
CA SER A 72 4.24 -21.77 -5.50
C SER A 72 2.98 -21.73 -4.64
N GLU A 73 1.97 -22.49 -5.04
CA GLU A 73 0.70 -22.53 -4.35
C GLU A 73 0.87 -22.95 -2.90
N GLU A 74 1.79 -23.89 -2.65
CA GLU A 74 2.01 -24.45 -1.32
C GLU A 74 2.47 -23.39 -0.31
N LEU A 75 3.00 -22.28 -0.83
CA LEU A 75 3.35 -21.15 -0.01
C LEU A 75 2.15 -20.57 0.74
N TYR A 76 0.95 -20.74 0.20
CA TYR A 76 -0.26 -20.15 0.80
C TYR A 76 -1.24 -21.15 1.43
N ILE A 77 -0.85 -22.41 1.53
CA ILE A 77 -1.73 -23.42 2.11
C ILE A 77 -1.61 -23.36 3.64
N ARG A 78 -2.47 -22.58 4.30
CA ARG A 78 -2.40 -22.40 5.76
C ARG A 78 -3.54 -23.07 6.55
N LYS A 79 -4.60 -23.50 5.86
CA LYS A 79 -5.63 -24.38 6.44
C LYS A 79 -6.42 -23.78 7.62
N ALA A 80 -6.59 -22.46 7.63
CA ALA A 80 -7.35 -21.79 8.69
C ALA A 80 -8.64 -21.16 8.18
N GLY A 81 -9.06 -21.51 6.96
CA GLY A 81 -10.27 -20.97 6.37
C GLY A 81 -10.21 -19.48 6.02
N GLU A 82 -9.01 -19.00 5.70
CA GLU A 82 -8.81 -17.58 5.39
C GLU A 82 -9.37 -17.19 4.04
N GLU A 83 -10.02 -16.03 4.00
CA GLU A 83 -10.57 -15.47 2.78
C GLU A 83 -9.47 -15.34 1.71
N ILE A 84 -8.30 -14.92 2.16
CA ILE A 84 -7.17 -14.65 1.28
C ILE A 84 -6.68 -15.91 0.54
N THR A 85 -6.77 -17.06 1.21
CA THR A 85 -6.36 -18.34 0.63
C THR A 85 -7.53 -19.07 -0.04
N GLU A 86 -8.76 -18.83 0.41
CA GLU A 86 -9.95 -19.36 -0.26
C GLU A 86 -10.15 -18.80 -1.67
N GLN A 87 -9.79 -17.52 -1.86
CA GLN A 87 -10.00 -16.81 -3.12
C GLN A 87 -8.70 -16.70 -3.92
N MET A 88 -7.90 -17.77 -3.91
CA MET A 88 -6.57 -17.77 -4.50
C MET A 88 -6.70 -17.95 -6.01
N PHE A 89 -6.04 -17.06 -6.75
CA PHE A 89 -5.99 -17.11 -8.21
C PHE A 89 -4.90 -18.10 -8.58
N ASN A 90 -5.27 -19.38 -8.64
CA ASN A 90 -4.25 -20.40 -8.84
C ASN A 90 -4.48 -21.17 -10.12
N PHE A 91 -3.43 -21.78 -10.63
CA PHE A 91 -3.52 -22.62 -11.82
C PHE A 91 -2.36 -23.60 -11.87
N ILE A 92 -2.45 -24.53 -12.81
CA ILE A 92 -1.43 -25.54 -13.01
C ILE A 92 -0.71 -25.27 -14.32
N THR A 93 0.61 -25.11 -14.23
CA THR A 93 1.46 -24.92 -15.41
C THR A 93 1.39 -26.15 -16.33
N LYS A 94 1.98 -26.03 -17.52
CA LYS A 94 2.01 -27.15 -18.47
C LYS A 94 2.83 -28.32 -17.92
N GLY A 95 3.78 -28.04 -17.02
CA GLY A 95 4.58 -29.07 -16.36
C GLY A 95 4.04 -29.54 -15.01
N GLY A 96 2.73 -29.33 -14.80
CA GLY A 96 2.01 -29.92 -13.67
C GLY A 96 2.27 -29.28 -12.31
N HIS A 97 2.96 -28.13 -12.30
CA HIS A 97 3.32 -27.48 -11.05
C HIS A 97 2.22 -26.53 -10.57
N ARG A 98 1.86 -26.66 -9.31
CA ARG A 98 0.79 -25.87 -8.70
C ARG A 98 1.30 -24.48 -8.29
N VAL A 99 0.92 -23.45 -9.03
CA VAL A 99 1.33 -22.06 -8.74
C VAL A 99 0.12 -21.14 -8.61
N ALA A 100 0.39 -19.92 -8.18
CA ALA A 100 -0.64 -18.91 -8.02
C ALA A 100 -0.08 -17.52 -8.24
N LEU A 101 -0.92 -16.63 -8.76
CA LEU A 101 -0.69 -15.20 -8.69
C LEU A 101 -0.90 -14.80 -7.23
N ARG A 102 0.14 -14.25 -6.62
CA ARG A 102 0.15 -14.05 -5.18
C ARG A 102 -1.11 -13.31 -4.69
N PRO A 103 -1.78 -13.87 -3.67
CA PRO A 103 -2.87 -13.13 -3.05
C PRO A 103 -2.40 -12.08 -2.04
N GLU A 104 -1.13 -12.15 -1.63
CA GLU A 104 -0.54 -11.20 -0.69
C GLU A 104 0.96 -11.35 -0.79
N MET A 105 1.70 -10.50 -0.11
CA MET A 105 3.14 -10.48 -0.24
C MET A 105 3.89 -11.14 0.90
N THR A 106 3.30 -11.19 2.08
CA THR A 106 4.04 -11.59 3.27
C THR A 106 4.69 -12.99 3.16
N PRO A 107 4.01 -13.95 2.52
CA PRO A 107 4.69 -15.24 2.33
C PRO A 107 5.94 -15.11 1.46
N SER A 108 5.92 -14.22 0.47
CA SER A 108 7.10 -14.03 -0.38
C SER A 108 8.25 -13.42 0.42
N LEU A 109 7.92 -12.42 1.24
CA LEU A 109 8.90 -11.81 2.13
C LEU A 109 9.59 -12.86 3.00
N ALA A 110 8.79 -13.70 3.66
CA ALA A 110 9.36 -14.74 4.51
C ALA A 110 10.26 -15.70 3.73
N ARG A 111 9.84 -16.04 2.51
CA ARG A 111 10.65 -16.90 1.65
C ARG A 111 12.00 -16.26 1.42
N LEU A 112 11.98 -14.99 1.02
CA LEU A 112 13.20 -14.22 0.86
C LEU A 112 14.03 -14.18 2.15
N LEU A 113 13.38 -13.92 3.28
CA LEU A 113 14.08 -13.85 4.56
C LEU A 113 14.74 -15.19 4.91
N LEU A 114 14.01 -16.27 4.74
CA LEU A 114 14.56 -17.60 4.99
C LEU A 114 15.75 -17.92 4.08
N GLY A 115 15.63 -17.56 2.80
CA GLY A 115 16.73 -17.74 1.87
C GLY A 115 18.04 -17.11 2.35
N LYS A 116 17.95 -15.97 3.02
CA LYS A 116 19.15 -15.26 3.46
C LYS A 116 19.78 -15.84 4.74
N GLY A 117 18.94 -16.26 5.67
CA GLY A 117 19.41 -16.88 6.92
C GLY A 117 20.27 -15.91 7.72
N ARG A 118 21.42 -16.40 8.18
CA ARG A 118 22.34 -15.61 8.99
C ARG A 118 23.04 -14.47 8.24
N SER A 119 23.04 -14.53 6.91
CA SER A 119 23.60 -13.44 6.10
C SER A 119 22.74 -12.15 6.15
N LEU A 120 21.47 -12.28 6.51
CA LEU A 120 20.59 -11.11 6.64
C LEU A 120 20.87 -10.40 7.94
N LEU A 121 21.28 -9.15 7.84
CA LEU A 121 21.57 -8.38 9.02
C LEU A 121 20.27 -7.81 9.58
N LEU A 122 20.14 -7.84 10.89
CA LEU A 122 18.90 -7.47 11.58
C LEU A 122 19.19 -6.37 12.59
N PRO A 123 18.22 -5.48 12.83
CA PRO A 123 16.88 -5.56 12.24
C PRO A 123 16.85 -5.19 10.76
N ALA A 124 15.84 -5.64 10.03
CA ALA A 124 15.66 -5.26 8.63
C ALA A 124 14.29 -4.61 8.43
N LYS A 125 14.24 -3.62 7.55
CA LYS A 125 13.02 -2.86 7.29
C LYS A 125 12.84 -2.83 5.80
N TRP A 126 11.90 -3.63 5.30
CA TRP A 126 11.74 -3.89 3.88
C TRP A 126 10.34 -3.48 3.42
N TYR A 127 10.23 -2.90 2.23
CA TYR A 127 8.94 -2.50 1.68
C TYR A 127 8.83 -2.85 0.19
N SER A 128 7.59 -2.94 -0.28
CA SER A 128 7.33 -3.23 -1.68
CA SER A 128 7.31 -3.26 -1.67
C SER A 128 5.93 -2.74 -2.01
N ILE A 129 5.63 -2.62 -3.28
CA ILE A 129 4.29 -2.22 -3.69
C ILE A 129 3.76 -3.22 -4.74
N PRO A 130 3.62 -4.51 -4.36
CA PRO A 130 3.20 -5.54 -5.32
C PRO A 130 1.76 -5.43 -5.74
N GLN A 131 1.48 -5.79 -6.99
CA GLN A 131 0.14 -6.11 -7.40
C GLN A 131 -0.17 -7.50 -6.84
N CYS A 132 -1.31 -7.61 -6.17
CA CYS A 132 -1.73 -8.87 -5.59
C CYS A 132 -3.06 -9.25 -6.23
N TRP A 133 -3.38 -10.54 -6.19
CA TRP A 133 -4.43 -11.12 -7.03
C TRP A 133 -5.43 -12.00 -6.26
N ARG A 134 -6.66 -12.03 -6.75
CA ARG A 134 -7.68 -12.93 -6.20
C ARG A 134 -8.62 -13.37 -7.30
N TYR A 135 -9.32 -14.47 -7.03
CA TYR A 135 -10.31 -15.01 -7.92
C TYR A 135 -11.60 -15.20 -7.11
N GLU A 136 -12.72 -14.75 -7.66
CA GLU A 136 -14.03 -14.96 -7.05
C GLU A 136 -15.05 -15.40 -8.09
N ARG A 142 -16.64 -7.58 -8.55
CA ARG A 142 -15.48 -7.48 -7.65
C ARG A 142 -14.18 -7.34 -8.44
N ARG A 143 -13.21 -6.60 -7.88
CA ARG A 143 -11.88 -6.49 -8.46
C ARG A 143 -11.10 -7.77 -8.22
N ARG A 144 -10.32 -8.19 -9.22
CA ARG A 144 -9.42 -9.34 -9.08
C ARG A 144 -7.96 -8.97 -8.87
N GLU A 145 -7.62 -7.69 -8.98
CA GLU A 145 -6.28 -7.23 -8.64
C GLU A 145 -6.29 -5.91 -7.88
N HIS A 146 -5.25 -5.72 -7.09
CA HIS A 146 -4.98 -4.43 -6.49
C HIS A 146 -3.50 -4.35 -6.16
N TYR A 147 -3.03 -3.12 -6.05
CA TYR A 147 -1.69 -2.89 -5.56
C TYR A 147 -1.74 -2.72 -4.06
N GLN A 148 -0.70 -3.18 -3.38
CA GLN A 148 -0.67 -3.16 -1.95
C GLN A 148 0.70 -2.82 -1.46
N TRP A 149 0.80 -1.65 -0.86
CA TRP A 149 2.02 -1.23 -0.23
C TRP A 149 2.24 -2.11 0.97
N ASN A 150 3.39 -2.75 1.04
CA ASN A 150 3.74 -3.59 2.16
C ASN A 150 4.91 -2.99 2.87
N MET A 151 4.86 -2.97 4.20
CA MET A 151 5.94 -2.47 5.03
C MET A 151 6.12 -3.46 6.17
N ASP A 152 7.35 -3.95 6.36
CA ASP A 152 7.61 -4.94 7.39
C ASP A 152 8.94 -4.70 8.10
N ILE A 153 8.91 -4.90 9.41
CA ILE A 153 10.11 -4.82 10.24
C ILE A 153 10.42 -6.21 10.78
N VAL A 154 11.65 -6.64 10.58
CA VAL A 154 12.09 -8.01 10.86
C VAL A 154 13.20 -7.98 11.89
N GLY A 155 13.07 -8.79 12.93
CA GLY A 155 14.11 -8.96 13.94
C GLY A 155 13.94 -8.09 15.17
N VAL A 156 12.77 -7.45 15.32
CA VAL A 156 12.47 -6.57 16.46
C VAL A 156 11.34 -7.13 17.33
N LYS A 157 11.69 -7.57 18.54
CA LYS A 157 10.74 -8.14 19.51
C LYS A 157 9.74 -7.12 20.07
N SER A 158 10.21 -5.92 20.34
CA SER A 158 9.41 -4.93 21.06
C SER A 158 8.40 -4.18 20.20
N VAL A 159 7.42 -3.59 20.87
CA VAL A 159 6.31 -2.85 20.23
C VAL A 159 6.77 -1.62 19.43
N SER A 160 8.01 -1.18 19.64
CA SER A 160 8.60 -0.13 18.79
C SER A 160 8.44 -0.41 17.29
N ALA A 161 8.47 -1.68 16.88
CA ALA A 161 8.22 -2.05 15.48
C ALA A 161 6.80 -1.64 15.07
N GLU A 162 5.81 -2.03 15.86
CA GLU A 162 4.42 -1.70 15.56
C GLU A 162 4.19 -0.18 15.60
N VAL A 163 4.87 0.50 16.53
CA VAL A 163 4.79 1.96 16.61
C VAL A 163 5.24 2.57 15.28
N GLU A 164 6.44 2.22 14.84
CA GLU A 164 6.96 2.75 13.58
C GLU A 164 6.05 2.47 12.39
N LEU A 165 5.55 1.25 12.29
CA LEU A 165 4.66 0.85 11.20
C LEU A 165 3.39 1.68 11.17
N VAL A 166 2.74 1.79 12.32
CA VAL A 166 1.53 2.59 12.46
C VAL A 166 1.79 4.06 12.15
N CYS A 167 2.91 4.61 12.62
CA CYS A 167 3.31 5.98 12.28
C CYS A 167 3.56 6.14 10.77
N ALA A 168 4.20 5.14 10.16
CA ALA A 168 4.40 5.14 8.70
C ALA A 168 3.09 5.22 7.95
N ALA A 169 2.08 4.48 8.40
CA ALA A 169 0.77 4.50 7.76
C ALA A 169 0.07 5.83 7.93
N CYS A 170 0.17 6.42 9.13
CA CYS A 170 -0.39 7.73 9.36
C CYS A 170 0.31 8.77 8.49
N TRP A 171 1.62 8.65 8.40
CA TRP A 171 2.44 9.57 7.61
C TRP A 171 2.03 9.55 6.14
N ALA A 172 1.90 8.37 5.57
CA ALA A 172 1.44 8.26 4.20
C ALA A 172 0.09 8.97 4.01
N MET A 173 -0.83 8.75 4.93
CA MET A 173 -2.14 9.36 4.83
C MET A 173 -2.09 10.89 5.00
N ARG A 174 -1.29 11.38 5.93
CA ARG A 174 -1.12 12.82 6.10
C ARG A 174 -0.50 13.42 4.85
N SER A 175 0.52 12.74 4.29
CA SER A 175 1.17 13.17 3.05
C SER A 175 0.18 13.30 1.90
N LEU A 176 -0.86 12.45 1.90
CA LEU A 176 -1.89 12.50 0.86
C LEU A 176 -2.94 13.60 1.08
N GLY A 177 -2.85 14.32 2.18
CA GLY A 177 -3.77 15.42 2.49
C GLY A 177 -4.79 15.12 3.58
N LEU A 178 -4.78 13.90 4.13
CA LEU A 178 -5.74 13.55 5.17
C LEU A 178 -5.22 13.97 6.54
N SER A 179 -6.16 14.12 7.47
CA SER A 179 -5.85 14.52 8.82
C SER A 179 -6.44 13.49 9.79
N SER A 180 -6.07 13.59 11.07
CA SER A 180 -6.65 12.76 12.12
C SER A 180 -8.15 12.98 12.30
N LYS A 181 -8.68 14.06 11.74
CA LYS A 181 -10.12 14.25 11.66
C LYS A 181 -10.75 13.32 10.62
N ASP A 182 -10.00 12.99 9.56
CA ASP A 182 -10.53 12.19 8.48
C ASP A 182 -10.43 10.70 8.73
N VAL A 183 -9.33 10.28 9.34
CA VAL A 183 -8.96 8.88 9.49
C VAL A 183 -8.37 8.60 10.87
N GLY A 184 -8.32 7.34 11.22
CA GLY A 184 -7.55 6.88 12.38
C GLY A 184 -7.07 5.45 12.20
N ILE A 185 -6.36 4.95 13.22
CA ILE A 185 -5.87 3.57 13.23
C ILE A 185 -6.34 2.90 14.52
N LYS A 186 -7.18 1.87 14.38
CA LYS A 186 -7.66 1.09 15.50
C LYS A 186 -6.62 0.04 15.81
N VAL A 187 -6.36 -0.19 17.10
CA VAL A 187 -5.28 -1.07 17.54
C VAL A 187 -5.70 -2.03 18.65
N ASN A 188 -5.25 -3.27 18.56
CA ASN A 188 -5.58 -4.32 19.54
C ASN A 188 -4.44 -5.31 19.66
N SER A 189 -4.52 -6.24 20.60
CA SER A 189 -3.62 -7.38 20.63
C SER A 189 -4.39 -8.69 20.70
N ARG A 190 -3.98 -9.63 19.85
CA ARG A 190 -4.54 -10.98 19.84
C ARG A 190 -4.20 -11.78 21.09
N LYS A 191 -3.20 -11.34 21.85
CA LYS A 191 -2.80 -12.08 23.05
C LYS A 191 -3.93 -12.15 24.06
N VAL A 192 -4.68 -11.05 24.18
CA VAL A 192 -5.85 -11.02 25.07
C VAL A 192 -6.76 -12.20 24.76
N LEU A 193 -7.20 -12.30 23.51
CA LEU A 193 -8.08 -13.37 23.06
C LEU A 193 -7.44 -14.75 23.19
N GLN A 194 -6.12 -14.81 22.94
CA GLN A 194 -5.34 -16.03 23.10
C GLN A 194 -5.54 -16.64 24.49
N THR A 195 -5.45 -15.80 25.51
CA THR A 195 -5.68 -16.21 26.88
C THR A 195 -7.07 -16.85 27.05
N VAL A 196 -8.09 -16.17 26.56
CA VAL A 196 -9.46 -16.66 26.70
C VAL A 196 -9.64 -18.00 25.99
N VAL A 197 -9.04 -18.14 24.80
CA VAL A 197 -9.07 -19.40 24.07
C VAL A 197 -8.37 -20.52 24.83
N GLU A 198 -7.16 -20.25 25.31
CA GLU A 198 -6.39 -21.20 26.11
C GLU A 198 -7.09 -21.55 27.42
N GLN A 199 -7.51 -20.55 28.18
CA GLN A 199 -8.14 -20.76 29.48
C GLN A 199 -9.47 -21.52 29.41
N ALA A 200 -10.14 -21.44 28.26
CA ALA A 200 -11.39 -22.19 28.05
C ALA A 200 -11.14 -23.65 27.64
N GLY A 201 -9.88 -24.08 27.61
CA GLY A 201 -9.52 -25.46 27.28
C GLY A 201 -9.41 -25.74 25.80
N VAL A 202 -9.64 -24.73 24.95
CA VAL A 202 -9.56 -24.91 23.51
C VAL A 202 -8.10 -25.00 23.10
N THR A 203 -7.73 -26.11 22.48
CA THR A 203 -6.38 -26.31 21.99
C THR A 203 -6.02 -25.21 20.97
N SER A 204 -4.79 -24.72 21.06
CA SER A 204 -4.35 -23.53 20.35
C SER A 204 -4.37 -23.64 18.82
N ASP A 205 -4.44 -24.86 18.30
CA ASP A 205 -4.61 -25.09 16.85
C ASP A 205 -5.94 -24.55 16.30
N LYS A 206 -6.89 -24.26 17.19
CA LYS A 206 -8.17 -23.67 16.79
C LYS A 206 -8.15 -22.14 16.89
N PHE A 207 -7.06 -21.57 17.42
CA PHE A 207 -6.97 -20.13 17.66
C PHE A 207 -7.04 -19.30 16.37
N ALA A 208 -6.22 -19.66 15.38
CA ALA A 208 -6.18 -18.96 14.10
C ALA A 208 -7.53 -18.98 13.36
N PRO A 209 -8.14 -20.18 13.19
CA PRO A 209 -9.49 -20.26 12.62
C PRO A 209 -10.51 -19.43 13.40
N VAL A 210 -10.35 -19.37 14.72
CA VAL A 210 -11.21 -18.57 15.58
C VAL A 210 -11.04 -17.08 15.31
N CYS A 211 -9.80 -16.60 15.24
CA CYS A 211 -9.53 -15.21 14.85
C CYS A 211 -10.17 -14.92 13.48
N VAL A 212 -9.99 -15.86 12.56
CA VAL A 212 -10.54 -15.76 11.20
C VAL A 212 -12.05 -15.60 11.21
N ILE A 213 -12.74 -16.38 12.02
CA ILE A 213 -14.20 -16.31 12.12
C ILE A 213 -14.65 -15.03 12.84
N VAL A 214 -13.99 -14.75 13.97
CA VAL A 214 -14.27 -13.54 14.75
C VAL A 214 -13.99 -12.27 13.95
N ASP A 215 -13.03 -12.31 13.04
CA ASP A 215 -12.78 -11.21 12.11
C ASP A 215 -14.04 -10.80 11.34
N LYS A 216 -14.90 -11.77 11.04
CA LYS A 216 -16.18 -11.48 10.37
C LYS A 216 -17.25 -10.85 11.28
N MET A 217 -16.95 -10.66 12.57
CA MET A 217 -17.96 -10.28 13.59
C MET A 217 -18.71 -9.00 13.27
N GLU A 218 -17.97 -7.96 12.88
CA GLU A 218 -18.59 -6.69 12.53
C GLU A 218 -19.43 -6.81 11.24
N LYS A 219 -18.90 -7.53 10.26
CA LYS A 219 -19.53 -7.64 8.94
C LYS A 219 -20.85 -8.44 8.94
N ILE A 220 -20.77 -9.69 9.40
CA ILE A 220 -21.94 -10.60 9.40
C ILE A 220 -22.59 -10.66 10.79
N PRO A 221 -23.82 -11.21 10.88
CA PRO A 221 -24.51 -11.21 12.18
C PRO A 221 -23.81 -12.05 13.25
N ARG A 222 -24.07 -11.72 14.52
CA ARG A 222 -23.52 -12.45 15.66
C ARG A 222 -23.94 -13.92 15.65
N GLU A 223 -25.18 -14.18 15.22
CA GLU A 223 -25.68 -15.55 15.07
C GLU A 223 -24.81 -16.36 14.11
N GLU A 224 -24.46 -15.78 12.96
CA GLU A 224 -23.64 -16.44 11.95
C GLU A 224 -22.22 -16.72 12.46
N VAL A 225 -21.62 -15.75 13.14
CA VAL A 225 -20.29 -15.91 13.71
C VAL A 225 -20.32 -16.92 14.87
N GLU A 226 -21.35 -16.82 15.71
CA GLU A 226 -21.57 -17.81 16.77
C GLU A 226 -21.75 -19.22 16.20
N ALA A 227 -22.45 -19.32 15.08
CA ALA A 227 -22.68 -20.59 14.40
C ALA A 227 -21.39 -21.16 13.82
N GLN A 228 -20.56 -20.29 13.22
CA GLN A 228 -19.28 -20.73 12.65
C GLN A 228 -18.32 -21.26 13.72
N LEU A 229 -18.37 -20.67 14.91
CA LEU A 229 -17.52 -21.10 16.03
C LEU A 229 -18.00 -22.41 16.64
N ALA A 230 -19.31 -22.64 16.60
CA ALA A 230 -19.91 -23.90 17.06
C ALA A 230 -19.41 -25.07 16.20
N VAL A 231 -19.43 -24.88 14.89
CA VAL A 231 -18.95 -25.89 13.93
C VAL A 231 -17.51 -26.33 14.21
N LEU A 232 -16.65 -25.40 14.65
CA LEU A 232 -15.27 -25.72 15.03
C LEU A 232 -15.16 -26.49 16.35
N GLY A 233 -16.29 -26.72 17.02
CA GLY A 233 -16.31 -27.54 18.25
C GLY A 233 -16.22 -26.74 19.53
N LEU A 234 -16.21 -25.41 19.45
CA LEU A 234 -16.15 -24.56 20.63
C LEU A 234 -17.52 -24.51 21.29
N GLU A 235 -17.57 -24.66 22.61
CA GLU A 235 -18.86 -24.71 23.34
C GLU A 235 -19.46 -23.31 23.51
N PRO A 236 -20.75 -23.24 23.91
CA PRO A 236 -21.44 -21.96 24.10
C PRO A 236 -20.76 -21.03 25.12
N THR A 237 -20.27 -21.59 26.22
CA THR A 237 -19.56 -20.82 27.24
C THR A 237 -18.34 -20.13 26.64
N VAL A 238 -17.58 -20.89 25.86
CA VAL A 238 -16.34 -20.42 25.26
C VAL A 238 -16.64 -19.26 24.31
N VAL A 239 -17.66 -19.42 23.49
CA VAL A 239 -18.11 -18.39 22.56
C VAL A 239 -18.45 -17.11 23.31
N ASP A 240 -19.25 -17.25 24.35
CA ASP A 240 -19.67 -16.11 25.17
C ASP A 240 -18.49 -15.27 25.66
N ALA A 241 -17.46 -15.94 26.16
CA ALA A 241 -16.27 -15.26 26.69
C ALA A 241 -15.54 -14.45 25.62
N ILE A 242 -15.57 -14.93 24.38
CA ILE A 242 -14.97 -14.22 23.26
C ILE A 242 -15.75 -12.93 22.96
N THR A 243 -17.07 -13.05 22.86
CA THR A 243 -17.95 -11.91 22.60
C THR A 243 -17.69 -10.76 23.57
N THR A 244 -17.68 -11.08 24.85
CA THR A 244 -17.51 -10.07 25.90
C THR A 244 -16.19 -9.33 25.75
N THR A 245 -15.09 -10.07 25.63
CA THR A 245 -13.78 -9.45 25.50
C THR A 245 -13.68 -8.57 24.25
N LEU A 246 -14.25 -9.03 23.12
CA LEU A 246 -14.33 -8.20 21.91
C LEU A 246 -15.05 -6.88 22.11
N SER A 247 -16.02 -6.83 23.02
CA SER A 247 -16.82 -5.63 23.23
C SER A 247 -16.27 -4.71 24.33
N LEU A 248 -15.22 -5.14 25.02
CA LEU A 248 -14.57 -4.31 26.04
C LEU A 248 -14.03 -3.03 25.40
N LYS A 249 -14.44 -1.87 25.92
CA LYS A 249 -14.23 -0.59 25.22
C LYS A 249 -12.93 0.14 25.55
N SER A 250 -12.14 -0.36 26.50
CA SER A 250 -10.92 0.35 26.90
C SER A 250 -9.85 -0.58 27.47
N ILE A 251 -8.64 -0.06 27.57
CA ILE A 251 -7.49 -0.86 28.04
C ILE A 251 -7.62 -1.14 29.54
N ASP A 252 -8.15 -0.18 30.30
CA ASP A 252 -8.40 -0.39 31.72
C ASP A 252 -9.39 -1.55 31.95
N GLU A 253 -10.38 -1.67 31.07
CA GLU A 253 -11.33 -2.80 31.13
C GLU A 253 -10.67 -4.14 30.82
N ILE A 254 -9.73 -4.14 29.87
CA ILE A 254 -8.94 -5.36 29.59
C ILE A 254 -8.04 -5.68 30.78
N ALA A 255 -7.45 -4.65 31.38
CA ALA A 255 -6.61 -4.84 32.56
C ALA A 255 -7.39 -5.49 33.69
N GLN A 256 -8.62 -5.04 33.93
CA GLN A 256 -9.50 -5.67 34.91
C GLN A 256 -9.73 -7.14 34.61
N ARG A 257 -9.88 -7.47 33.33
CA ARG A 257 -10.20 -8.82 32.89
C ARG A 257 -9.00 -9.78 32.95
N VAL A 258 -7.85 -9.36 32.43
CA VAL A 258 -6.66 -10.23 32.35
C VAL A 258 -5.50 -9.86 33.30
N GLY A 259 -5.53 -8.64 33.84
CA GLY A 259 -4.46 -8.15 34.72
C GLY A 259 -3.71 -7.00 34.08
N GLU A 260 -3.23 -6.05 34.89
CA GLU A 260 -2.48 -4.89 34.39
C GLU A 260 -1.11 -5.30 33.83
N GLU A 261 -0.63 -6.48 34.21
CA GLU A 261 0.57 -7.07 33.64
C GLU A 261 0.28 -8.39 32.92
N HIS A 262 -0.77 -8.41 32.10
CA HIS A 262 -0.86 -9.42 31.05
C HIS A 262 0.06 -8.88 29.98
N GLU A 263 0.64 -9.78 29.20
CA GLU A 263 1.60 -9.39 28.18
C GLU A 263 1.03 -8.20 27.40
N ALA A 264 -0.19 -8.40 26.89
CA ALA A 264 -0.91 -7.43 26.08
C ALA A 264 -1.08 -6.04 26.69
N VAL A 265 -1.35 -5.94 28.00
CA VAL A 265 -1.61 -4.63 28.60
C VAL A 265 -0.36 -3.74 28.52
N LYS A 266 0.77 -4.25 29.00
CA LYS A 266 2.04 -3.51 28.97
C LYS A 266 2.46 -3.12 27.55
N GLU A 267 2.26 -4.02 26.58
CA GLU A 267 2.60 -3.76 25.18
C GLU A 267 1.76 -2.61 24.61
N LEU A 268 0.45 -2.71 24.80
CA LEU A 268 -0.48 -1.69 24.30
C LEU A 268 -0.19 -0.32 24.92
N ARG A 269 0.01 -0.28 26.23
CA ARG A 269 0.34 0.96 26.91
C ARG A 269 1.65 1.55 26.37
N GLN A 270 2.66 0.71 26.25
CA GLN A 270 3.92 1.11 25.62
C GLN A 270 3.70 1.66 24.20
N PHE A 271 2.85 0.98 23.44
CA PHE A 271 2.55 1.37 22.05
C PHE A 271 1.90 2.76 21.97
N PHE A 272 0.87 3.01 22.78
CA PHE A 272 0.22 4.31 22.80
C PHE A 272 1.12 5.41 23.33
N GLU A 273 1.88 5.10 24.37
CA GLU A 273 2.88 6.06 24.86
C GLU A 273 3.85 6.45 23.74
N GLN A 274 4.32 5.49 22.96
CA GLN A 274 5.29 5.77 21.91
C GLN A 274 4.68 6.54 20.72
N VAL A 275 3.48 6.16 20.29
CA VAL A 275 2.84 6.90 19.19
C VAL A 275 2.54 8.34 19.62
N GLU A 276 2.11 8.51 20.88
CA GLU A 276 1.92 9.82 21.48
C GLU A 276 3.18 10.68 21.39
N ALA A 277 4.30 10.13 21.85
CA ALA A 277 5.60 10.83 21.82
C ALA A 277 6.04 11.26 20.42
N TYR A 278 5.70 10.46 19.41
CA TYR A 278 6.04 10.77 18.02
C TYR A 278 5.12 11.85 17.42
N GLY A 279 4.07 12.20 18.15
CA GLY A 279 3.15 13.26 17.72
C GLY A 279 1.92 12.78 16.97
N TYR A 280 1.63 11.48 16.99
CA TYR A 280 0.46 10.96 16.27
C TYR A 280 -0.63 10.38 17.18
N GLY A 281 -0.67 10.85 18.43
CA GLY A 281 -1.64 10.37 19.41
C GLY A 281 -3.09 10.53 18.99
N ASP A 282 -3.39 11.60 18.26
CA ASP A 282 -4.75 11.84 17.77
C ASP A 282 -5.17 10.88 16.64
N TRP A 283 -4.23 10.14 16.07
CA TRP A 283 -4.51 9.19 14.97
C TRP A 283 -4.87 7.76 15.41
N VAL A 284 -4.53 7.40 16.64
CA VAL A 284 -4.63 6.01 17.07
C VAL A 284 -5.60 5.84 18.24
N LEU A 285 -6.16 4.65 18.34
CA LEU A 285 -7.07 4.33 19.43
C LEU A 285 -7.14 2.83 19.62
N PHE A 286 -7.64 2.44 20.79
CA PHE A 286 -7.83 1.05 21.13
C PHE A 286 -9.18 0.57 20.64
N ASP A 287 -9.21 -0.61 20.03
CA ASP A 287 -10.47 -1.26 19.67
C ASP A 287 -10.31 -2.77 19.84
N ALA A 288 -11.00 -3.32 20.82
CA ALA A 288 -10.93 -4.74 21.17
C ALA A 288 -11.58 -5.67 20.14
N SER A 289 -12.32 -5.13 19.20
CA SER A 289 -12.92 -5.95 18.15
C SER A 289 -11.96 -6.21 16.98
N VAL A 290 -10.83 -5.50 16.91
CA VAL A 290 -9.90 -5.68 15.80
C VAL A 290 -9.04 -6.94 16.00
N VAL A 291 -9.21 -7.91 15.11
CA VAL A 291 -8.34 -9.09 15.10
C VAL A 291 -7.62 -9.36 13.77
N ARG A 292 -8.16 -8.83 12.66
CA ARG A 292 -7.69 -9.12 11.31
C ARG A 292 -8.02 -10.56 10.90
N GLY A 293 -8.04 -10.78 9.59
CA GLY A 293 -8.50 -12.04 9.03
C GLY A 293 -7.39 -13.05 8.78
N LEU A 294 -6.14 -12.67 9.04
CA LEU A 294 -5.01 -13.55 8.73
C LEU A 294 -4.62 -14.45 9.90
N ALA A 295 -4.22 -15.67 9.57
CA ALA A 295 -3.94 -16.71 10.55
C ALA A 295 -2.73 -16.37 11.40
N TYR A 296 -1.74 -15.72 10.79
CA TYR A 296 -0.39 -15.65 11.37
C TYR A 296 -0.13 -14.55 12.39
N TYR A 297 -1.08 -13.63 12.60
CA TYR A 297 -0.83 -12.57 13.58
C TYR A 297 -0.84 -13.13 15.00
N THR A 298 0.19 -12.76 15.77
CA THR A 298 0.37 -13.26 17.13
C THR A 298 0.20 -12.22 18.24
N GLY A 299 0.41 -10.94 17.92
CA GLY A 299 0.41 -9.89 18.93
C GLY A 299 -0.46 -8.72 18.56
N ILE A 300 0.12 -7.53 18.60
CA ILE A 300 -0.58 -6.31 18.19
C ILE A 300 -1.07 -6.41 16.75
N VAL A 301 -2.31 -6.01 16.53
CA VAL A 301 -2.90 -5.90 15.21
C VAL A 301 -3.52 -4.53 15.12
N PHE A 302 -3.64 -4.03 13.90
CA PHE A 302 -4.20 -2.70 13.69
C PHE A 302 -4.81 -2.57 12.31
N GLU A 303 -5.74 -1.64 12.18
CA GLU A 303 -6.30 -1.30 10.88
C GLU A 303 -6.76 0.16 10.79
N GLY A 304 -6.57 0.74 9.61
CA GLY A 304 -6.91 2.13 9.37
C GLY A 304 -8.34 2.21 8.90
N PHE A 305 -9.00 3.31 9.24
CA PHE A 305 -10.41 3.46 8.94
C PHE A 305 -10.72 4.94 8.73
N ASP A 306 -11.76 5.23 7.97
CA ASP A 306 -12.26 6.59 7.82
C ASP A 306 -13.24 6.89 8.94
N ARG A 307 -13.11 8.07 9.54
CA ARG A 307 -13.91 8.46 10.70
C ARG A 307 -15.38 8.79 10.40
N GLU A 308 -15.81 8.65 9.15
CA GLU A 308 -17.23 8.80 8.79
C GLU A 308 -17.93 7.45 8.68
N GLY A 309 -17.19 6.36 8.80
CA GLY A 309 -17.77 5.02 8.73
C GLY A 309 -18.32 4.64 7.36
N LYS A 310 -17.76 5.24 6.31
CA LYS A 310 -18.23 5.00 4.94
C LYS A 310 -17.45 3.93 4.19
N PHE A 311 -16.22 3.65 4.59
CA PHE A 311 -15.34 2.80 3.80
C PHE A 311 -14.83 1.60 4.58
N ARG A 312 -14.39 0.57 3.86
CA ARG A 312 -13.70 -0.57 4.46
C ARG A 312 -12.31 -0.15 4.94
N ALA A 313 -11.61 -1.07 5.58
CA ALA A 313 -10.30 -0.79 6.15
C ALA A 313 -9.34 -0.23 5.09
N LEU A 314 -8.62 0.84 5.45
CA LEU A 314 -7.69 1.51 4.55
C LEU A 314 -6.39 0.73 4.46
N CYS A 315 -6.05 0.06 5.57
CA CYS A 315 -4.84 -0.71 5.69
C CYS A 315 -4.97 -1.58 6.90
N GLY A 316 -4.07 -2.53 7.01
CA GLY A 316 -4.12 -3.46 8.12
C GLY A 316 -2.83 -4.23 8.25
N GLY A 317 -2.53 -4.59 9.49
CA GLY A 317 -1.27 -5.23 9.80
C GLY A 317 -1.23 -5.80 11.19
N GLY A 318 -0.03 -6.18 11.60
CA GLY A 318 0.18 -6.75 12.92
C GLY A 318 1.48 -7.52 13.03
N ARG A 319 1.70 -8.07 14.23
CA ARG A 319 2.91 -8.82 14.53
C ARG A 319 2.62 -10.28 14.23
N TYR A 320 3.62 -10.95 13.66
CA TYR A 320 3.52 -12.34 13.28
C TYR A 320 4.86 -13.02 13.59
N ASP A 321 5.07 -13.30 14.88
CA ASP A 321 6.36 -13.81 15.37
C ASP A 321 6.64 -15.29 15.11
N ASN A 322 5.63 -16.04 14.68
CA ASN A 322 5.77 -17.47 14.48
C ASN A 322 5.89 -17.93 13.02
N LEU A 323 5.57 -17.05 12.08
CA LEU A 323 5.50 -17.43 10.67
C LEU A 323 6.79 -18.08 10.17
N LEU A 324 7.92 -17.47 10.46
CA LEU A 324 9.18 -18.00 9.91
C LEU A 324 9.53 -19.33 10.56
N THR A 325 9.10 -19.53 11.81
CA THR A 325 9.20 -20.82 12.45
C THR A 325 8.34 -21.87 11.74
N THR A 326 7.11 -21.52 11.36
CA THR A 326 6.26 -22.48 10.61
C THR A 326 6.81 -22.79 9.21
N TYR A 327 7.55 -21.86 8.61
CA TYR A 327 8.21 -22.13 7.33
C TYR A 327 9.49 -22.96 7.44
N GLY A 328 9.95 -23.21 8.67
CA GLY A 328 11.13 -24.06 8.94
C GLY A 328 12.36 -23.33 9.46
N SER A 329 12.25 -22.05 9.82
CA SER A 329 13.39 -21.32 10.40
C SER A 329 13.87 -21.99 11.68
N PRO A 330 15.19 -22.29 11.77
CA PRO A 330 15.69 -22.93 13.00
C PRO A 330 15.54 -22.04 14.23
N THR A 331 15.65 -20.73 14.03
CA THR A 331 15.55 -19.76 15.10
C THR A 331 14.31 -18.86 14.88
N PRO A 332 13.54 -18.61 15.95
CA PRO A 332 12.37 -17.73 15.80
C PRO A 332 12.75 -16.35 15.32
N ILE A 333 12.00 -15.82 14.36
CA ILE A 333 12.26 -14.50 13.82
C ILE A 333 11.05 -13.60 14.09
N PRO A 334 11.21 -12.63 15.00
CA PRO A 334 10.11 -11.68 15.21
C PRO A 334 9.90 -10.80 13.96
N CYS A 335 8.63 -10.52 13.65
CA CYS A 335 8.25 -9.74 12.48
C CYS A 335 6.96 -9.00 12.76
N ALA A 336 6.79 -7.89 12.06
CA ALA A 336 5.57 -7.10 12.10
C ALA A 336 5.49 -6.28 10.83
N GLY A 337 4.27 -6.04 10.35
CA GLY A 337 4.09 -5.26 9.15
C GLY A 337 2.65 -4.96 8.83
N PHE A 338 2.44 -4.36 7.67
CA PHE A 338 1.11 -4.07 7.20
C PHE A 338 1.06 -4.00 5.69
N GLY A 339 -0.18 -4.12 5.19
CA GLY A 339 -0.49 -3.88 3.83
C GLY A 339 -1.45 -2.71 3.75
N PHE A 340 -1.36 -1.95 2.67
CA PHE A 340 -2.11 -0.72 2.50
C PHE A 340 -2.50 -0.67 1.02
N GLY A 341 -3.75 -0.98 0.75
CA GLY A 341 -4.25 -1.11 -0.63
C GLY A 341 -4.34 0.20 -1.40
N ASP A 342 -4.42 0.09 -2.73
CA ASP A 342 -4.50 1.26 -3.62
C ASP A 342 -5.94 1.64 -3.99
N CYS A 343 -6.94 0.90 -3.53
CA CYS A 343 -8.32 1.16 -3.97
C CYS A 343 -9.15 1.96 -2.95
N VAL A 344 -9.30 1.46 -1.73
CA VAL A 344 -10.10 2.14 -0.72
C VAL A 344 -9.56 3.56 -0.45
N ILE A 345 -8.25 3.69 -0.27
CA ILE A 345 -7.63 5.03 -0.08
C ILE A 345 -7.99 6.02 -1.19
N VAL A 346 -8.04 5.54 -2.43
CA VAL A 346 -8.38 6.41 -3.55
C VAL A 346 -9.82 6.89 -3.48
N GLU A 347 -10.73 5.99 -3.13
CA GLU A 347 -12.15 6.36 -2.95
C GLU A 347 -12.31 7.40 -1.85
N LEU A 348 -11.56 7.23 -0.76
CA LEU A 348 -11.60 8.18 0.32
C LEU A 348 -11.06 9.54 -0.16
N LEU A 349 -9.90 9.52 -0.81
CA LEU A 349 -9.31 10.76 -1.32
C LEU A 349 -10.22 11.49 -2.31
N GLN A 350 -10.92 10.74 -3.15
CA GLN A 350 -11.89 11.32 -4.08
C GLN A 350 -13.05 11.94 -3.31
N GLU A 351 -13.60 11.21 -2.34
CA GLU A 351 -14.66 11.77 -1.48
C GLU A 351 -14.24 13.09 -0.84
N LYS A 352 -12.99 13.16 -0.38
CA LYS A 352 -12.47 14.33 0.31
C LYS A 352 -11.93 15.40 -0.64
N ARG A 353 -12.02 15.15 -1.95
CA ARG A 353 -11.58 16.09 -2.98
C ARG A 353 -10.08 16.33 -2.91
N LEU A 354 -9.34 15.26 -2.69
CA LEU A 354 -7.89 15.32 -2.56
C LEU A 354 -7.18 14.62 -3.72
N LEU A 355 -7.89 14.36 -4.80
CA LEU A 355 -7.28 13.82 -6.03
C LEU A 355 -7.71 14.65 -7.21
N PRO A 356 -7.41 15.95 -7.19
CA PRO A 356 -7.70 16.70 -8.40
C PRO A 356 -6.84 16.14 -9.54
N ASP A 357 -7.41 16.13 -10.75
CA ASP A 357 -6.64 15.80 -11.93
C ASP A 357 -5.49 16.79 -12.02
N ILE A 358 -4.27 16.29 -12.04
CA ILE A 358 -3.10 17.13 -12.29
C ILE A 358 -2.59 16.82 -13.68
N PRO A 359 -2.85 17.72 -14.64
CA PRO A 359 -2.51 17.39 -16.02
C PRO A 359 -1.04 17.17 -16.24
N HIS A 360 -0.72 16.47 -17.32
CA HIS A 360 0.65 16.27 -17.76
C HIS A 360 1.31 17.63 -18.02
N VAL A 361 2.58 17.74 -17.66
CA VAL A 361 3.38 18.94 -17.96
C VAL A 361 4.69 18.55 -18.62
N VAL A 362 5.26 19.52 -19.29
CA VAL A 362 6.56 19.45 -19.91
C VAL A 362 7.11 20.90 -19.86
N ASP A 363 8.42 21.07 -19.73
CA ASP A 363 8.97 22.43 -19.61
C ASP A 363 8.89 23.17 -20.93
N ASP A 364 9.43 22.56 -21.98
CA ASP A 364 9.58 23.21 -23.28
C ASP A 364 8.92 22.42 -24.39
N VAL A 365 8.30 23.16 -25.32
CA VAL A 365 7.95 22.60 -26.62
C VAL A 365 8.69 23.38 -27.71
N VAL A 366 9.52 22.65 -28.46
CA VAL A 366 10.30 23.24 -29.53
C VAL A 366 9.53 23.11 -30.84
N ILE A 367 9.33 24.24 -31.49
CA ILE A 367 8.52 24.34 -32.68
C ILE A 367 9.40 24.76 -33.86
N PRO A 368 9.60 23.84 -34.83
CA PRO A 368 10.25 24.29 -36.05
C PRO A 368 9.31 25.22 -36.80
N PHE A 369 9.82 26.36 -37.28
CA PHE A 369 9.00 27.27 -38.05
C PHE A 369 8.41 26.55 -39.28
N ASP A 370 9.22 25.71 -39.91
CA ASP A 370 8.77 24.83 -40.96
C ASP A 370 9.77 23.68 -40.99
N GLU A 371 9.64 22.77 -41.95
CA GLU A 371 10.48 21.57 -41.96
C GLU A 371 11.96 21.85 -42.21
N SER A 372 12.28 22.91 -42.94
CA SER A 372 13.68 23.26 -43.17
C SER A 372 14.41 23.57 -41.86
N MET A 373 13.68 24.00 -40.84
CA MET A 373 14.26 24.34 -39.53
C MET A 373 14.37 23.18 -38.57
N ARG A 374 13.97 21.98 -38.99
CA ARG A 374 13.91 20.82 -38.10
C ARG A 374 15.28 20.41 -37.56
N PRO A 375 16.31 20.35 -38.42
CA PRO A 375 17.65 20.04 -37.92
C PRO A 375 18.10 21.01 -36.85
N HIS A 376 17.87 22.30 -37.08
CA HIS A 376 18.26 23.30 -36.09
C HIS A 376 17.43 23.11 -34.81
N ALA A 377 16.14 22.87 -34.94
CA ALA A 377 15.26 22.67 -33.77
C ALA A 377 15.63 21.43 -32.95
N LEU A 378 16.16 20.42 -33.61
CA LEU A 378 16.69 19.26 -32.92
C LEU A 378 17.94 19.60 -32.11
N ALA A 379 18.78 20.48 -32.63
CA ALA A 379 19.97 20.91 -31.90
C ALA A 379 19.55 21.67 -30.63
N VAL A 380 18.52 22.49 -30.75
CA VAL A 380 17.93 23.21 -29.63
C VAL A 380 17.30 22.23 -28.63
N LEU A 381 16.57 21.25 -29.16
CA LEU A 381 15.96 20.20 -28.34
C LEU A 381 17.05 19.53 -27.51
N ARG A 382 18.15 19.16 -28.15
CA ARG A 382 19.29 18.54 -27.46
C ARG A 382 19.78 19.40 -26.28
N ARG A 383 20.03 20.69 -26.53
CA ARG A 383 20.52 21.58 -25.48
C ARG A 383 19.58 21.65 -24.30
N LEU A 384 18.28 21.75 -24.57
CA LEU A 384 17.30 21.89 -23.51
C LEU A 384 17.32 20.65 -22.62
N ARG A 385 17.23 19.48 -23.24
CA ARG A 385 17.27 18.23 -22.49
C ARG A 385 18.62 18.05 -21.78
N ASP A 386 19.71 18.45 -22.45
CA ASP A 386 21.05 18.40 -21.84
C ASP A 386 21.05 19.10 -20.48
N ALA A 387 20.24 20.13 -20.33
CA ALA A 387 20.22 20.94 -19.12
C ALA A 387 19.22 20.40 -18.09
N GLY A 388 18.68 19.21 -18.32
CA GLY A 388 17.76 18.58 -17.40
C GLY A 388 16.31 19.01 -17.55
N ARG A 389 15.99 19.71 -18.64
CA ARG A 389 14.62 20.09 -18.88
C ARG A 389 13.85 18.96 -19.60
N SER A 390 12.55 18.88 -19.35
CA SER A 390 11.65 18.03 -20.12
C SER A 390 11.19 18.82 -21.33
N ALA A 391 11.42 18.28 -22.53
CA ALA A 391 11.11 19.00 -23.74
C ALA A 391 10.58 18.11 -24.83
N ASP A 392 9.55 18.58 -25.53
CA ASP A 392 9.08 17.98 -26.77
C ASP A 392 9.58 18.78 -27.94
N ILE A 393 9.65 18.13 -29.10
CA ILE A 393 9.71 18.80 -30.38
C ILE A 393 8.45 18.39 -31.15
N ILE A 394 7.91 19.33 -31.91
CA ILE A 394 6.78 19.06 -32.77
C ILE A 394 7.25 18.05 -33.82
N LEU A 395 6.69 16.84 -33.77
CA LEU A 395 7.12 15.75 -34.63
C LEU A 395 6.43 15.76 -36.00
N ASP A 396 5.18 16.18 -36.02
CA ASP A 396 4.42 16.30 -37.27
C ASP A 396 4.82 17.54 -38.04
N LYS A 397 4.33 17.63 -39.27
CA LYS A 397 4.38 18.86 -40.04
C LYS A 397 3.12 19.63 -39.70
N LYS A 398 3.25 20.81 -39.11
CA LYS A 398 2.08 21.64 -38.84
C LYS A 398 2.36 23.13 -38.70
N LYS A 399 1.29 23.91 -38.84
CA LYS A 399 1.37 25.35 -38.77
C LYS A 399 1.79 25.76 -37.37
N VAL A 400 2.48 26.90 -37.29
CA VAL A 400 2.96 27.44 -36.02
C VAL A 400 1.86 27.59 -34.96
N VAL A 401 0.67 28.03 -35.35
CA VAL A 401 -0.43 28.22 -34.39
C VAL A 401 -0.98 26.90 -33.84
N GLN A 402 -1.01 25.87 -34.67
CA GLN A 402 -1.42 24.54 -34.23
C GLN A 402 -0.33 23.92 -33.33
N ALA A 403 0.91 24.28 -33.61
CA ALA A 403 2.03 23.90 -32.75
C ALA A 403 1.85 24.50 -31.35
N PHE A 404 1.45 25.77 -31.30
CA PHE A 404 1.15 26.44 -30.02
C PHE A 404 -0.04 25.83 -29.30
N ASN A 405 -1.08 25.50 -30.04
CA ASN A 405 -2.22 24.81 -29.46
C ASN A 405 -1.76 23.50 -28.82
N TYR A 406 -0.96 22.75 -29.58
CA TYR A 406 -0.36 21.53 -29.06
C TYR A 406 0.45 21.77 -27.79
N ALA A 407 1.31 22.78 -27.81
CA ALA A 407 2.09 23.13 -26.62
C ALA A 407 1.17 23.37 -25.42
N ASP A 408 0.07 24.07 -25.63
CA ASP A 408 -0.86 24.33 -24.56
C ASP A 408 -1.55 23.05 -24.07
N ARG A 409 -1.94 22.18 -25.01
CA ARG A 409 -2.61 20.91 -24.67
C ARG A 409 -1.71 20.02 -23.82
N VAL A 410 -0.43 19.91 -24.19
CA VAL A 410 0.49 19.05 -23.45
C VAL A 410 1.02 19.71 -22.16
N GLY A 411 0.58 20.94 -21.88
CA GLY A 411 0.88 21.60 -20.61
C GLY A 411 2.30 22.14 -20.54
N ALA A 412 2.76 22.73 -21.64
CA ALA A 412 4.11 23.29 -21.70
C ALA A 412 4.22 24.61 -20.94
N VAL A 413 5.33 24.78 -20.23
CA VAL A 413 5.59 26.03 -19.52
C VAL A 413 6.06 27.08 -20.52
N ARG A 414 6.69 26.63 -21.60
CA ARG A 414 7.39 27.50 -22.52
C ARG A 414 7.37 26.92 -23.92
N ALA A 415 7.12 27.77 -24.91
CA ALA A 415 7.24 27.38 -26.32
C ALA A 415 8.44 28.08 -26.94
N VAL A 416 9.28 27.27 -27.60
CA VAL A 416 10.53 27.74 -28.21
C VAL A 416 10.41 27.61 -29.72
N LEU A 417 10.18 28.72 -30.39
CA LEU A 417 10.03 28.74 -31.84
C LEU A 417 11.40 28.94 -32.51
N VAL A 418 11.71 28.05 -33.45
CA VAL A 418 12.98 28.05 -34.17
C VAL A 418 12.73 28.48 -35.61
N ALA A 419 12.93 29.78 -35.87
CA ALA A 419 12.65 30.37 -37.17
C ALA A 419 13.92 30.91 -37.84
N PRO A 420 13.97 30.88 -39.19
CA PRO A 420 15.21 31.12 -39.93
C PRO A 420 15.87 32.44 -39.57
N GLU A 421 15.07 33.49 -39.38
CA GLU A 421 15.60 34.84 -39.18
C GLU A 421 16.29 35.01 -37.81
N GLU A 422 15.74 34.38 -36.78
CA GLU A 422 16.35 34.41 -35.43
C GLU A 422 17.60 33.53 -35.39
N TRP A 423 17.51 32.37 -36.03
CA TRP A 423 18.62 31.42 -36.10
C TRP A 423 19.91 32.07 -36.62
N GLU A 424 19.79 32.85 -37.69
CA GLU A 424 20.96 33.54 -38.26
C GLU A 424 21.63 34.45 -37.23
N ARG A 425 20.83 35.01 -36.32
CA ARG A 425 21.34 35.85 -35.24
C ARG A 425 21.78 35.02 -34.01
N GLY A 426 21.86 33.70 -34.16
CA GLY A 426 22.17 32.80 -33.05
C GLY A 426 21.10 32.79 -31.96
N GLU A 427 19.83 32.97 -32.35
CA GLU A 427 18.74 33.04 -31.40
C GLU A 427 17.55 32.15 -31.75
N VAL A 428 16.62 32.05 -30.79
CA VAL A 428 15.29 31.48 -31.01
C VAL A 428 14.26 32.40 -30.36
N GLN A 429 12.99 32.24 -30.76
CA GLN A 429 11.87 32.97 -30.14
C GLN A 429 11.29 32.16 -29.00
N VAL A 430 11.39 32.70 -27.79
CA VAL A 430 10.85 32.05 -26.59
C VAL A 430 9.60 32.77 -26.10
N LYS A 431 8.61 31.97 -25.70
CA LYS A 431 7.33 32.49 -25.24
C LYS A 431 6.83 31.70 -24.04
N MET A 432 6.54 32.41 -22.95
CA MET A 432 6.05 31.81 -21.72
C MET A 432 4.55 31.63 -21.82
N LEU A 433 4.07 30.42 -21.50
CA LEU A 433 2.67 30.06 -21.68
C LEU A 433 1.84 30.03 -20.41
N ARG A 434 2.49 30.17 -19.25
CA ARG A 434 1.80 30.17 -17.95
C ARG A 434 2.25 31.35 -17.09
N GLY A 447 6.70 36.76 -27.40
CA GLY A 447 7.69 35.98 -28.15
C GLY A 447 8.99 36.73 -28.32
N PHE A 448 9.87 36.64 -27.32
CA PHE A 448 11.12 37.41 -27.30
C PHE A 448 12.26 36.55 -27.81
N ALA A 449 13.09 37.14 -28.67
CA ALA A 449 14.27 36.45 -29.17
C ALA A 449 15.31 36.28 -28.05
N VAL A 450 15.89 35.09 -27.96
CA VAL A 450 16.83 34.74 -26.90
C VAL A 450 18.02 34.02 -27.52
N PRO A 451 19.26 34.39 -27.14
CA PRO A 451 20.44 33.65 -27.60
C PRO A 451 20.37 32.18 -27.17
N LEU A 452 20.89 31.29 -28.00
CA LEU A 452 20.86 29.86 -27.69
C LEU A 452 21.36 29.55 -26.28
N ASP A 453 22.55 30.05 -25.93
CA ASP A 453 23.17 29.80 -24.63
C ASP A 453 22.32 30.25 -23.44
N ARG A 454 21.49 31.26 -23.65
CA ARG A 454 20.62 31.81 -22.60
C ARG A 454 19.38 30.97 -22.31
N LEU A 455 19.04 30.04 -23.19
CA LEU A 455 17.85 29.21 -23.03
C LEU A 455 17.78 28.47 -21.71
N VAL A 456 18.93 28.04 -21.21
CA VAL A 456 18.99 27.13 -20.07
C VAL A 456 19.76 27.74 -18.90
#